data_7JMB
#
_entry.id   7JMB
#
_cell.length_a   121.870
_cell.length_b   77.640
_cell.length_c   90.800
_cell.angle_alpha   90.000
_cell.angle_beta   128.850
_cell.angle_gamma   90.000
#
_symmetry.space_group_name_H-M   'C 1 2 1'
#
loop_
_entity.id
_entity.type
_entity.pdbx_description
1 polymer 'Nitrogenase iron-molybdenum cofactor biosynthesis protein NifB'
2 non-polymer 'IRON/SULFUR CLUSTER'
#
_entity_poly.entity_id   1
_entity_poly.type   'polypeptide(L)'
_entity_poly.pdbx_seq_one_letter_code
;SHMPDQRQTRFAHITKAHPCFNEKLHDRVGRVHVPIAPRCNIHCKFCTRDINECERRPGVTGRLMTADDAIKHVEKVKEE
MPISVIGVAGPGDALANEETFEFFKKASKKFPDLLKCMSTNGLLLPDRADELAELGINTVTVTVNAVDPEIGEKIYSFVV
YKDKVYHGREAFEVLSRNQLEGIEKLAERGIIVKVNSVLIPGLNDEHIVDIAREVKKRGASLMNIIPLIPMGEMKDYPRP
TCEQIERVRNEVEKIIPVFRACTQCRADAYGIPGKKEADKHLDMTPASHY
;
_entity_poly.pdbx_strand_id   A,B
#
# COMPACT_ATOMS: atom_id res chain seq x y z
N HIS A 18 -13.70 -8.76 -20.46
CA HIS A 18 -12.54 -9.14 -19.66
C HIS A 18 -12.40 -8.20 -18.47
N PRO A 19 -12.56 -8.72 -17.25
CA PRO A 19 -12.54 -7.85 -16.07
C PRO A 19 -11.23 -7.10 -15.89
N CYS A 20 -10.11 -7.69 -16.31
CA CYS A 20 -8.83 -7.02 -16.18
C CYS A 20 -8.69 -5.83 -17.12
N PHE A 21 -9.62 -5.66 -18.05
CA PHE A 21 -9.70 -4.48 -18.91
C PHE A 21 -10.96 -3.70 -18.58
N ASN A 22 -11.07 -2.53 -19.19
CA ASN A 22 -12.14 -1.55 -18.89
C ASN A 22 -12.02 -1.21 -17.40
N GLU A 23 -13.08 -1.35 -16.60
CA GLU A 23 -13.05 -1.11 -15.17
C GLU A 23 -14.39 -1.46 -14.54
N LYS A 24 -15.39 -1.72 -15.38
CA LYS A 24 -16.76 -1.95 -14.93
C LYS A 24 -17.07 -3.43 -14.71
N LEU A 25 -16.59 -4.29 -15.61
CA LEU A 25 -16.79 -5.72 -15.45
C LEU A 25 -15.96 -6.29 -14.31
N HIS A 26 -15.02 -5.50 -13.76
CA HIS A 26 -14.16 -5.97 -12.68
C HIS A 26 -14.98 -6.43 -11.47
N ASP A 27 -16.10 -5.78 -11.22
CA ASP A 27 -17.00 -6.17 -10.14
C ASP A 27 -18.10 -7.12 -10.59
N ARG A 28 -18.19 -7.41 -11.89
CA ARG A 28 -19.26 -8.23 -12.43
C ARG A 28 -18.80 -9.49 -13.15
N VAL A 29 -17.64 -9.46 -13.79
CA VAL A 29 -17.12 -10.62 -14.50
C VAL A 29 -16.08 -11.31 -13.63
N GLY A 30 -15.84 -12.60 -13.91
CA GLY A 30 -14.94 -13.41 -13.12
C GLY A 30 -13.70 -13.85 -13.89
N ARG A 31 -12.75 -14.42 -13.14
CA ARG A 31 -11.53 -14.98 -13.70
C ARG A 31 -11.02 -16.08 -12.79
N VAL A 32 -10.11 -16.88 -13.33
CA VAL A 32 -9.45 -17.95 -12.57
C VAL A 32 -7.95 -17.83 -12.74
N HIS A 33 -7.23 -17.95 -11.62
CA HIS A 33 -5.79 -18.11 -11.62
C HIS A 33 -5.44 -19.54 -11.25
N VAL A 34 -4.59 -20.17 -12.05
CA VAL A 34 -4.06 -21.50 -11.74
C VAL A 34 -2.63 -21.33 -11.24
N PRO A 35 -2.31 -21.75 -10.02
CA PRO A 35 -0.91 -21.70 -9.57
C PRO A 35 -0.07 -22.69 -10.36
N ILE A 36 0.15 -22.40 -11.64
CA ILE A 36 0.80 -23.33 -12.56
C ILE A 36 2.00 -22.66 -13.19
N ALA A 37 2.78 -21.96 -12.38
CA ALA A 37 4.00 -21.35 -12.88
C ALA A 37 4.98 -21.06 -11.74
N PRO A 38 5.55 -22.09 -11.12
CA PRO A 38 6.52 -21.87 -10.06
C PRO A 38 7.91 -21.66 -10.63
N ARG A 39 8.76 -21.01 -9.84
CA ARG A 39 10.12 -20.64 -10.23
C ARG A 39 10.08 -19.60 -11.36
N CYS A 40 10.88 -18.56 -11.23
CA CYS A 40 11.00 -17.51 -12.23
C CYS A 40 12.39 -17.50 -12.83
N ASN A 41 12.57 -16.66 -13.84
CA ASN A 41 13.85 -16.55 -14.54
C ASN A 41 14.56 -15.23 -14.26
N ILE A 42 13.94 -14.34 -13.49
CA ILE A 42 14.51 -13.05 -13.12
C ILE A 42 14.38 -12.89 -11.61
N HIS A 43 14.82 -11.74 -11.10
CA HIS A 43 14.67 -11.43 -9.68
C HIS A 43 14.33 -9.96 -9.50
N CYS A 44 13.08 -9.69 -9.12
CA CYS A 44 12.65 -8.33 -8.86
C CYS A 44 12.99 -7.97 -7.42
N LYS A 45 13.34 -6.71 -7.21
CA LYS A 45 13.70 -6.20 -5.89
C LYS A 45 12.54 -6.24 -4.90
N PHE A 46 11.39 -6.88 -5.17
CA PHE A 46 10.31 -6.96 -4.19
C PHE A 46 9.52 -8.26 -4.27
N CYS A 47 10.16 -9.35 -4.68
CA CYS A 47 9.49 -10.63 -4.78
C CYS A 47 9.49 -11.38 -3.44
N THR A 48 8.38 -12.08 -3.18
CA THR A 48 8.25 -12.97 -2.03
C THR A 48 7.90 -14.39 -2.45
N ARG A 49 6.81 -14.58 -3.19
CA ARG A 49 6.30 -15.89 -3.60
C ARG A 49 5.92 -16.65 -2.34
N ASP A 50 6.42 -17.87 -2.13
CA ASP A 50 6.10 -18.71 -0.98
C ASP A 50 4.63 -19.09 -0.94
N ILE A 51 4.27 -20.01 -0.04
CA ILE A 51 2.88 -20.44 0.11
C ILE A 51 2.34 -19.96 1.45
N ASN A 52 2.05 -18.66 1.55
CA ASN A 52 1.56 -18.07 2.79
C ASN A 52 0.05 -18.18 2.94
N GLU A 53 -0.54 -19.26 2.42
CA GLU A 53 -1.92 -19.64 2.67
C GLU A 53 -2.91 -18.50 2.45
N CYS A 54 -2.96 -17.57 3.40
CA CYS A 54 -3.88 -16.44 3.37
C CYS A 54 -3.09 -15.14 3.38
N GLU A 55 -2.98 -14.51 2.22
CA GLU A 55 -2.21 -13.29 2.01
C GLU A 55 -2.51 -12.78 0.61
N ARG A 56 -2.80 -11.49 0.48
CA ARG A 56 -3.17 -10.95 -0.83
C ARG A 56 -1.96 -10.36 -1.56
N ARG A 57 -0.85 -11.09 -1.58
CA ARG A 57 0.33 -10.63 -2.28
C ARG A 57 0.22 -11.03 -3.76
N PRO A 58 0.96 -10.34 -4.63
CA PRO A 58 0.90 -10.69 -6.07
C PRO A 58 1.30 -12.14 -6.35
N GLY A 59 2.36 -12.63 -5.73
CA GLY A 59 2.81 -13.99 -5.99
C GLY A 59 2.56 -14.97 -4.87
N VAL A 60 1.51 -14.75 -4.08
CA VAL A 60 1.23 -15.58 -2.91
C VAL A 60 0.17 -16.59 -3.33
N THR A 61 0.62 -17.74 -3.81
CA THR A 61 -0.27 -18.86 -4.10
C THR A 61 -0.43 -19.72 -2.85
N GLY A 62 -1.66 -20.22 -2.63
CA GLY A 62 -1.90 -21.06 -1.47
C GLY A 62 -1.48 -22.50 -1.68
N ARG A 63 -1.46 -22.97 -2.93
CA ARG A 63 -1.05 -24.34 -3.23
C ARG A 63 -0.84 -24.52 -4.73
N LEU A 64 0.30 -25.08 -5.11
CA LEU A 64 0.60 -25.30 -6.52
C LEU A 64 -0.22 -26.47 -7.05
N MET A 65 -0.39 -26.50 -8.37
CA MET A 65 -1.26 -27.48 -9.01
C MET A 65 -0.64 -27.98 -10.30
N THR A 66 -1.16 -29.13 -10.76
CA THR A 66 -0.78 -29.75 -12.02
C THR A 66 -1.65 -29.20 -13.15
N ALA A 67 -1.22 -29.47 -14.38
CA ALA A 67 -2.01 -29.04 -15.53
C ALA A 67 -3.38 -29.69 -15.54
N ASP A 68 -3.43 -31.01 -15.28
CA ASP A 68 -4.71 -31.70 -15.22
C ASP A 68 -5.51 -31.28 -13.99
N ASP A 69 -4.83 -31.06 -12.87
CA ASP A 69 -5.52 -30.53 -11.70
C ASP A 69 -6.03 -29.12 -11.96
N ALA A 70 -5.31 -28.35 -12.78
CA ALA A 70 -5.81 -27.03 -13.17
C ALA A 70 -7.04 -27.15 -14.06
N ILE A 71 -7.04 -28.13 -14.97
CA ILE A 71 -8.23 -28.39 -15.79
C ILE A 71 -9.42 -28.71 -14.89
N LYS A 72 -9.21 -29.59 -13.91
CA LYS A 72 -10.27 -29.96 -12.98
C LYS A 72 -10.74 -28.75 -12.16
N HIS A 73 -9.80 -27.88 -11.79
CA HIS A 73 -10.16 -26.69 -11.02
C HIS A 73 -11.03 -25.75 -11.83
N VAL A 74 -10.64 -25.48 -13.08
CA VAL A 74 -11.44 -24.63 -13.95
C VAL A 74 -12.81 -25.26 -14.21
N GLU A 75 -12.85 -26.58 -14.36
CA GLU A 75 -14.13 -27.26 -14.62
C GLU A 75 -15.04 -27.21 -13.39
N LYS A 76 -14.47 -27.33 -12.19
CA LYS A 76 -15.26 -27.32 -10.97
C LYS A 76 -15.66 -25.92 -10.55
N VAL A 77 -14.99 -24.89 -11.07
CA VAL A 77 -15.32 -23.51 -10.74
C VAL A 77 -16.19 -22.83 -11.79
N LYS A 78 -16.16 -23.31 -13.05
CA LYS A 78 -16.93 -22.67 -14.10
C LYS A 78 -18.43 -22.86 -13.93
N GLU A 79 -18.86 -23.84 -13.14
CA GLU A 79 -20.28 -24.09 -12.93
C GLU A 79 -20.85 -23.32 -11.74
N GLU A 80 -20.10 -23.26 -10.63
CA GLU A 80 -20.54 -22.56 -9.43
C GLU A 80 -20.08 -21.10 -9.40
N MET A 81 -19.60 -20.58 -10.52
CA MET A 81 -19.10 -19.22 -10.60
C MET A 81 -19.14 -18.77 -12.05
N PRO A 82 -19.16 -17.46 -12.32
CA PRO A 82 -19.25 -17.00 -13.71
C PRO A 82 -18.02 -17.36 -14.53
N ILE A 83 -16.89 -16.73 -14.22
CA ILE A 83 -15.61 -16.96 -14.88
C ILE A 83 -15.69 -16.57 -16.35
N SER A 84 -15.05 -15.46 -16.70
CA SER A 84 -14.94 -15.05 -18.09
C SER A 84 -13.57 -15.34 -18.69
N VAL A 85 -12.51 -15.29 -17.87
CA VAL A 85 -11.17 -15.56 -18.33
C VAL A 85 -10.50 -16.55 -17.38
N ILE A 86 -9.51 -17.26 -17.90
CA ILE A 86 -8.58 -18.02 -17.07
C ILE A 86 -7.18 -17.50 -17.37
N GLY A 87 -6.37 -17.35 -16.32
CA GLY A 87 -5.06 -16.77 -16.49
C GLY A 87 -3.99 -17.50 -15.69
N VAL A 88 -2.82 -17.68 -16.29
CA VAL A 88 -1.69 -18.31 -15.61
C VAL A 88 -0.82 -17.16 -15.11
N ALA A 89 -1.10 -16.71 -13.89
CA ALA A 89 -0.25 -15.74 -13.22
C ALA A 89 0.37 -16.40 -12.00
N GLY A 90 0.96 -17.58 -12.20
CA GLY A 90 1.54 -18.34 -11.11
C GLY A 90 2.70 -17.60 -10.46
N PRO A 91 3.27 -18.21 -9.42
CA PRO A 91 4.31 -17.51 -8.64
C PRO A 91 5.46 -16.97 -9.48
N GLY A 92 6.02 -17.80 -10.37
CA GLY A 92 7.07 -17.37 -11.25
C GLY A 92 6.53 -16.84 -12.57
N ASP A 93 7.44 -16.66 -13.52
CA ASP A 93 7.03 -16.23 -14.86
C ASP A 93 6.26 -17.35 -15.54
N ALA A 94 5.12 -17.00 -16.14
CA ALA A 94 4.28 -18.02 -16.75
C ALA A 94 4.95 -18.64 -17.98
N LEU A 95 5.85 -17.89 -18.62
CA LEU A 95 6.61 -18.45 -19.74
C LEU A 95 7.80 -19.27 -19.27
N ALA A 96 8.19 -19.14 -18.01
CA ALA A 96 9.32 -19.87 -17.45
C ALA A 96 8.96 -21.29 -17.05
N ASN A 97 7.68 -21.63 -16.97
CA ASN A 97 7.24 -22.95 -16.56
C ASN A 97 6.69 -23.70 -17.76
N GLU A 98 7.14 -24.95 -17.93
CA GLU A 98 6.69 -25.80 -19.02
C GLU A 98 5.31 -26.39 -18.79
N GLU A 99 4.67 -26.07 -17.66
CA GLU A 99 3.31 -26.52 -17.40
C GLU A 99 2.26 -25.55 -17.91
N THR A 100 2.60 -24.27 -18.06
CA THR A 100 1.66 -23.29 -18.60
C THR A 100 1.23 -23.65 -20.02
N PHE A 101 2.16 -24.12 -20.84
CA PHE A 101 1.82 -24.45 -22.23
C PHE A 101 1.00 -25.73 -22.30
N GLU A 102 1.33 -26.72 -21.45
CA GLU A 102 0.50 -27.91 -21.37
C GLU A 102 -0.91 -27.58 -20.91
N PHE A 103 -1.02 -26.65 -19.95
CA PHE A 103 -2.34 -26.21 -19.48
C PHE A 103 -3.13 -25.55 -20.59
N PHE A 104 -2.52 -24.62 -21.32
CA PHE A 104 -3.26 -23.94 -22.38
C PHE A 104 -3.58 -24.88 -23.53
N LYS A 105 -2.71 -25.85 -23.81
CA LYS A 105 -3.01 -26.82 -24.87
C LYS A 105 -4.15 -27.74 -24.47
N LYS A 106 -4.16 -28.23 -23.23
CA LYS A 106 -5.25 -29.08 -22.77
C LYS A 106 -6.54 -28.31 -22.56
N ALA A 107 -6.44 -26.98 -22.39
CA ALA A 107 -7.60 -26.14 -22.16
C ALA A 107 -8.16 -25.53 -23.44
N SER A 108 -7.37 -25.54 -24.52
CA SER A 108 -7.86 -25.02 -25.78
C SER A 108 -8.99 -25.86 -26.36
N LYS A 109 -8.98 -27.16 -26.08
CA LYS A 109 -9.99 -28.08 -26.59
C LYS A 109 -10.92 -28.61 -25.51
N LYS A 110 -10.82 -28.12 -24.27
CA LYS A 110 -11.73 -28.53 -23.22
C LYS A 110 -12.76 -27.47 -22.85
N PHE A 111 -12.38 -26.20 -22.83
CA PHE A 111 -13.31 -25.09 -22.64
C PHE A 111 -12.90 -23.93 -23.54
N PRO A 112 -13.16 -24.04 -24.86
CA PRO A 112 -12.75 -22.98 -25.80
C PRO A 112 -13.56 -21.69 -25.66
N ASP A 113 -14.43 -21.63 -24.66
CA ASP A 113 -15.28 -20.46 -24.44
C ASP A 113 -14.63 -19.42 -23.54
N LEU A 114 -13.63 -19.80 -22.75
CA LEU A 114 -13.00 -18.92 -21.79
C LEU A 114 -11.75 -18.29 -22.39
N LEU A 115 -11.65 -16.97 -22.28
CA LEU A 115 -10.44 -16.29 -22.73
C LEU A 115 -9.24 -16.70 -21.86
N LYS A 116 -8.08 -16.73 -22.49
CA LYS A 116 -6.86 -17.26 -21.88
C LYS A 116 -5.84 -16.14 -21.73
N CYS A 117 -5.49 -15.82 -20.50
CA CYS A 117 -4.62 -14.69 -20.21
C CYS A 117 -3.37 -15.17 -19.48
N MET A 118 -2.39 -14.27 -19.36
CA MET A 118 -1.10 -14.61 -18.78
C MET A 118 -0.42 -13.36 -18.24
N SER A 119 0.39 -13.56 -17.21
CA SER A 119 1.21 -12.50 -16.62
C SER A 119 2.67 -12.93 -16.74
N THR A 120 3.41 -12.28 -17.64
CA THR A 120 4.79 -12.65 -17.92
C THR A 120 5.73 -11.50 -17.56
N ASN A 121 7.02 -11.78 -17.69
CA ASN A 121 8.06 -10.78 -17.53
C ASN A 121 8.61 -10.30 -18.87
N GLY A 122 8.21 -10.93 -19.97
CA GLY A 122 8.61 -10.52 -21.30
C GLY A 122 9.93 -11.06 -21.77
N LEU A 123 10.67 -11.77 -20.91
CA LEU A 123 12.01 -12.22 -21.27
C LEU A 123 11.95 -13.38 -22.25
N LEU A 124 10.98 -14.29 -22.07
CA LEU A 124 10.81 -15.45 -22.94
C LEU A 124 9.66 -15.27 -23.91
N LEU A 125 9.32 -14.04 -24.26
CA LEU A 125 8.34 -13.76 -25.31
C LEU A 125 8.94 -13.84 -26.71
N PRO A 126 10.17 -13.37 -26.97
CA PRO A 126 10.70 -13.45 -28.34
C PRO A 126 10.72 -14.86 -28.93
N ASP A 127 10.89 -15.90 -28.12
CA ASP A 127 10.88 -17.26 -28.65
C ASP A 127 9.52 -17.92 -28.54
N ARG A 128 8.70 -17.52 -27.58
CA ARG A 128 7.44 -18.18 -27.29
C ARG A 128 6.23 -17.40 -27.78
N ALA A 129 6.42 -16.34 -28.56
CA ALA A 129 5.27 -15.64 -29.12
C ALA A 129 4.52 -16.53 -30.10
N ASP A 130 5.26 -17.30 -30.90
CA ASP A 130 4.62 -18.26 -31.80
C ASP A 130 3.84 -19.31 -31.02
N GLU A 131 4.39 -19.77 -29.89
CA GLU A 131 3.70 -20.78 -29.11
C GLU A 131 2.48 -20.21 -28.39
N LEU A 132 2.56 -18.95 -27.95
CA LEU A 132 1.37 -18.29 -27.39
C LEU A 132 0.31 -18.08 -28.45
N ALA A 133 0.71 -17.85 -29.71
CA ALA A 133 -0.27 -17.71 -30.77
C ALA A 133 -0.91 -19.05 -31.12
N GLU A 134 -0.11 -20.13 -31.11
CA GLU A 134 -0.65 -21.45 -31.43
C GLU A 134 -1.59 -21.96 -30.33
N LEU A 135 -1.35 -21.56 -29.08
CA LEU A 135 -2.16 -22.02 -27.96
C LEU A 135 -3.50 -21.27 -27.85
N GLY A 136 -3.72 -20.25 -28.67
CA GLY A 136 -4.96 -19.51 -28.61
C GLY A 136 -5.05 -18.52 -27.48
N ILE A 137 -3.99 -17.76 -27.23
CA ILE A 137 -3.94 -16.79 -26.15
C ILE A 137 -4.51 -15.47 -26.65
N ASN A 138 -5.42 -14.89 -25.86
CA ASN A 138 -6.05 -13.63 -26.23
C ASN A 138 -5.28 -12.42 -25.71
N THR A 139 -4.81 -12.47 -24.47
CA THR A 139 -4.24 -11.31 -23.80
C THR A 139 -3.06 -11.72 -22.93
N VAL A 140 -1.98 -10.95 -23.00
CA VAL A 140 -0.79 -11.15 -22.16
C VAL A 140 -0.35 -9.80 -21.61
N THR A 141 -0.18 -9.72 -20.29
CA THR A 141 0.32 -8.51 -19.65
C THR A 141 1.79 -8.68 -19.28
N VAL A 142 2.58 -7.63 -19.52
CA VAL A 142 4.04 -7.66 -19.37
C VAL A 142 4.44 -6.65 -18.31
N THR A 143 5.15 -7.12 -17.29
CA THR A 143 5.58 -6.28 -16.16
C THR A 143 6.80 -5.47 -16.58
N VAL A 144 6.55 -4.26 -17.05
CA VAL A 144 7.60 -3.33 -17.47
C VAL A 144 7.73 -2.26 -16.39
N ASN A 145 8.81 -2.32 -15.62
CA ASN A 145 9.02 -1.41 -14.51
C ASN A 145 10.02 -0.30 -14.81
N ALA A 146 10.78 -0.40 -15.91
CA ALA A 146 11.74 0.62 -16.26
C ALA A 146 12.17 0.43 -17.72
N VAL A 147 12.62 1.53 -18.32
CA VAL A 147 13.25 1.47 -19.64
C VAL A 147 14.59 2.18 -19.70
N ASP A 148 14.87 3.13 -18.81
CA ASP A 148 16.18 3.75 -18.76
C ASP A 148 17.13 2.87 -17.95
N PRO A 149 18.27 2.45 -18.50
CA PRO A 149 19.17 1.54 -17.75
C PRO A 149 19.61 2.09 -16.41
N GLU A 150 19.84 3.40 -16.31
CA GLU A 150 20.22 3.97 -15.02
C GLU A 150 19.12 3.84 -13.98
N ILE A 151 17.87 3.64 -14.41
CA ILE A 151 16.76 3.41 -13.50
C ILE A 151 16.54 1.92 -13.27
N GLY A 152 16.59 1.11 -14.33
CA GLY A 152 16.29 -0.30 -14.20
C GLY A 152 17.41 -1.14 -13.62
N GLU A 153 18.64 -0.64 -13.64
CA GLU A 153 19.74 -1.36 -13.00
C GLU A 153 19.55 -1.48 -11.50
N LYS A 154 18.71 -0.63 -10.89
CA LYS A 154 18.46 -0.65 -9.46
C LYS A 154 17.08 -1.21 -9.12
N ILE A 155 16.59 -2.17 -9.92
CA ILE A 155 15.29 -2.77 -9.70
C ILE A 155 15.42 -4.28 -9.76
N TYR A 156 16.35 -4.76 -10.59
CA TYR A 156 16.52 -6.18 -10.83
C TYR A 156 17.90 -6.65 -10.39
N SER A 157 17.99 -7.93 -10.02
CA SER A 157 19.26 -8.51 -9.60
C SER A 157 19.89 -9.30 -10.74
N PHE A 158 19.35 -10.48 -11.02
CA PHE A 158 19.88 -11.35 -12.05
C PHE A 158 18.78 -11.73 -13.04
N VAL A 159 19.22 -12.12 -14.24
CA VAL A 159 18.34 -12.59 -15.31
C VAL A 159 19.05 -13.77 -15.96
N VAL A 160 18.41 -14.93 -15.95
CA VAL A 160 18.97 -16.12 -16.60
C VAL A 160 18.32 -16.23 -17.97
N TYR A 161 19.12 -16.05 -19.02
CA TYR A 161 18.63 -16.10 -20.39
C TYR A 161 19.45 -17.10 -21.18
N LYS A 162 18.78 -17.84 -22.07
CA LYS A 162 19.42 -18.88 -22.87
C LYS A 162 20.16 -19.88 -21.98
N ASP A 163 21.49 -19.73 -21.89
CA ASP A 163 22.32 -20.58 -21.04
C ASP A 163 23.32 -19.77 -20.21
N LYS A 164 23.08 -18.48 -20.02
CA LYS A 164 23.97 -17.61 -19.27
C LYS A 164 23.17 -16.71 -18.34
N VAL A 165 23.80 -16.28 -17.26
CA VAL A 165 23.18 -15.48 -16.22
C VAL A 165 23.83 -14.10 -16.21
N TYR A 166 22.99 -13.06 -16.18
CA TYR A 166 23.42 -11.67 -16.11
C TYR A 166 23.03 -11.09 -14.76
N HIS A 167 23.84 -10.15 -14.27
CA HIS A 167 23.65 -9.67 -12.89
C HIS A 167 23.82 -8.17 -12.69
N GLY A 168 24.46 -7.45 -13.59
CA GLY A 168 24.67 -6.02 -13.47
C GLY A 168 23.74 -5.21 -14.35
N ARG A 169 24.26 -4.09 -14.84
CA ARG A 169 23.51 -3.27 -15.79
C ARG A 169 23.18 -4.07 -17.04
N GLU A 170 24.03 -5.05 -17.38
CA GLU A 170 23.77 -5.91 -18.52
C GLU A 170 22.51 -6.75 -18.31
N ALA A 171 22.22 -7.13 -17.06
CA ALA A 171 21.01 -7.88 -16.78
C ALA A 171 19.78 -7.08 -17.18
N PHE A 172 19.69 -5.82 -16.75
CA PHE A 172 18.56 -5.00 -17.14
C PHE A 172 18.54 -4.73 -18.65
N GLU A 173 19.71 -4.56 -19.26
CA GLU A 173 19.74 -4.35 -20.71
C GLU A 173 19.13 -5.53 -21.44
N VAL A 174 19.55 -6.75 -21.09
CA VAL A 174 19.01 -7.96 -21.71
C VAL A 174 17.51 -8.06 -21.46
N LEU A 175 17.09 -7.84 -20.21
CA LEU A 175 15.69 -7.99 -19.87
C LEU A 175 14.81 -7.00 -20.63
N SER A 176 15.23 -5.73 -20.66
CA SER A 176 14.45 -4.71 -21.33
C SER A 176 14.40 -4.95 -22.84
N ARG A 177 15.53 -5.28 -23.44
CA ARG A 177 15.55 -5.56 -24.88
C ARG A 177 14.58 -6.68 -25.22
N ASN A 178 14.69 -7.81 -24.51
CA ASN A 178 13.83 -8.95 -24.82
C ASN A 178 12.36 -8.64 -24.56
N GLN A 179 12.06 -7.96 -23.45
CA GLN A 179 10.67 -7.67 -23.13
C GLN A 179 10.05 -6.70 -24.14
N LEU A 180 10.79 -5.69 -24.58
CA LEU A 180 10.23 -4.74 -25.55
C LEU A 180 10.06 -5.39 -26.93
N GLU A 181 11.06 -6.17 -27.36
CA GLU A 181 10.91 -6.91 -28.61
C GLU A 181 9.73 -7.88 -28.52
N GLY A 182 9.48 -8.44 -27.34
CA GLY A 182 8.35 -9.35 -27.18
C GLY A 182 7.02 -8.63 -27.20
N ILE A 183 6.97 -7.42 -26.63
CA ILE A 183 5.77 -6.60 -26.76
C ILE A 183 5.47 -6.34 -28.24
N GLU A 184 6.51 -5.99 -29.00
CA GLU A 184 6.31 -5.74 -30.43
C GLU A 184 5.85 -7.01 -31.14
N LYS A 185 6.45 -8.16 -30.80
CA LYS A 185 6.07 -9.40 -31.46
C LYS A 185 4.64 -9.81 -31.12
N LEU A 186 4.26 -9.71 -29.85
CA LEU A 186 2.89 -10.04 -29.46
C LEU A 186 1.88 -9.07 -30.06
N ALA A 187 2.26 -7.81 -30.26
CA ALA A 187 1.35 -6.86 -30.90
C ALA A 187 1.21 -7.16 -32.39
N GLU A 188 2.31 -7.52 -33.05
CA GLU A 188 2.25 -7.84 -34.48
C GLU A 188 1.50 -9.14 -34.72
N ARG A 189 1.67 -10.13 -33.84
CA ARG A 189 0.97 -11.40 -33.99
C ARG A 189 -0.53 -11.23 -33.85
N GLY A 190 -0.98 -10.19 -33.17
CA GLY A 190 -2.41 -9.93 -33.01
C GLY A 190 -2.92 -10.24 -31.62
N ILE A 191 -2.16 -9.84 -30.60
CA ILE A 191 -2.52 -10.10 -29.21
C ILE A 191 -2.50 -8.79 -28.45
N ILE A 192 -3.62 -8.48 -27.78
CA ILE A 192 -3.68 -7.29 -26.95
C ILE A 192 -2.79 -7.49 -25.73
N VAL A 193 -1.88 -6.55 -25.49
CA VAL A 193 -0.90 -6.64 -24.42
C VAL A 193 -1.16 -5.52 -23.42
N LYS A 194 -1.21 -5.88 -22.14
CA LYS A 194 -1.27 -4.91 -21.06
C LYS A 194 0.11 -4.70 -20.46
N VAL A 195 0.31 -3.54 -19.84
CA VAL A 195 1.60 -3.18 -19.26
C VAL A 195 1.37 -2.83 -17.80
N ASN A 196 1.79 -3.72 -16.91
CA ASN A 196 1.82 -3.44 -15.48
C ASN A 196 3.16 -2.80 -15.13
N SER A 197 3.11 -1.68 -14.42
CA SER A 197 4.29 -0.97 -13.96
C SER A 197 4.11 -0.62 -12.49
N VAL A 198 5.09 -0.98 -11.67
CA VAL A 198 5.03 -0.78 -10.23
C VAL A 198 5.66 0.58 -9.91
N LEU A 199 4.89 1.44 -9.25
CA LEU A 199 5.34 2.79 -8.92
C LEU A 199 6.16 2.74 -7.64
N ILE A 200 7.48 2.75 -7.79
CA ILE A 200 8.40 2.74 -6.66
C ILE A 200 8.80 4.19 -6.38
N PRO A 201 8.35 4.79 -5.27
CA PRO A 201 8.68 6.20 -5.02
C PRO A 201 10.17 6.40 -4.81
N GLY A 202 10.83 7.08 -5.75
CA GLY A 202 12.24 7.37 -5.68
C GLY A 202 13.06 6.83 -6.83
N LEU A 203 12.57 5.81 -7.54
CA LEU A 203 13.29 5.20 -8.65
C LEU A 203 12.66 5.55 -10.00
N ASN A 204 11.40 5.18 -10.21
CA ASN A 204 10.73 5.36 -11.49
C ASN A 204 9.48 6.20 -11.34
N ASP A 205 9.50 7.17 -10.42
CA ASP A 205 8.33 8.00 -10.16
C ASP A 205 8.11 9.01 -11.29
N GLU A 206 9.17 9.70 -11.72
CA GLU A 206 9.11 10.62 -12.85
C GLU A 206 9.57 9.95 -14.14
N HIS A 207 9.22 8.67 -14.30
CA HIS A 207 9.67 7.88 -15.42
C HIS A 207 8.56 7.07 -16.07
N ILE A 208 7.37 7.01 -15.45
CA ILE A 208 6.27 6.19 -15.98
C ILE A 208 5.81 6.72 -17.34
N VAL A 209 5.95 8.03 -17.57
CA VAL A 209 5.51 8.59 -18.84
C VAL A 209 6.43 8.15 -19.98
N ASP A 210 7.73 8.03 -19.69
CA ASP A 210 8.65 7.52 -20.71
C ASP A 210 8.39 6.05 -21.01
N ILE A 211 8.07 5.28 -19.97
CA ILE A 211 7.67 3.90 -20.15
C ILE A 211 6.43 3.82 -21.04
N ALA A 212 5.46 4.72 -20.80
CA ALA A 212 4.25 4.73 -21.61
C ALA A 212 4.57 5.07 -23.06
N ARG A 213 5.45 6.05 -23.28
CA ARG A 213 5.85 6.43 -24.63
C ARG A 213 6.45 5.24 -25.37
N GLU A 214 7.46 4.59 -24.79
CA GLU A 214 8.12 3.49 -25.50
C GLU A 214 7.19 2.28 -25.64
N VAL A 215 6.36 2.01 -24.64
CA VAL A 215 5.47 0.85 -24.70
C VAL A 215 4.38 1.06 -25.75
N LYS A 216 3.84 2.28 -25.82
CA LYS A 216 2.87 2.59 -26.87
C LYS A 216 3.52 2.54 -28.24
N LYS A 217 4.79 2.95 -28.34
CA LYS A 217 5.51 2.82 -29.61
C LYS A 217 5.66 1.35 -29.98
N ARG A 218 5.80 0.48 -28.99
CA ARG A 218 5.88 -0.96 -29.29
C ARG A 218 4.52 -1.53 -29.64
N GLY A 219 3.46 -1.12 -28.93
CA GLY A 219 2.14 -1.60 -29.24
C GLY A 219 1.31 -2.08 -28.07
N ALA A 220 1.28 -1.30 -26.98
CA ALA A 220 0.45 -1.62 -25.84
C ALA A 220 -0.93 -0.99 -25.98
N SER A 221 -1.94 -1.69 -25.48
CA SER A 221 -3.33 -1.23 -25.56
C SER A 221 -3.77 -0.59 -24.25
N LEU A 222 -3.70 -1.32 -23.15
CA LEU A 222 -4.04 -0.82 -21.83
C LEU A 222 -2.80 -0.91 -20.96
N MET A 223 -2.66 0.05 -20.05
CA MET A 223 -1.56 0.07 -19.10
C MET A 223 -2.13 0.10 -17.70
N ASN A 224 -1.62 -0.77 -16.82
CA ASN A 224 -2.12 -0.90 -15.46
C ASN A 224 -1.02 -0.45 -14.51
N ILE A 225 -1.11 0.80 -14.06
CA ILE A 225 -0.17 1.31 -13.06
C ILE A 225 -0.61 0.78 -11.70
N ILE A 226 0.29 0.08 -11.02
CA ILE A 226 -0.05 -0.53 -9.74
C ILE A 226 0.85 0.08 -8.68
N PRO A 227 0.34 0.31 -7.47
CA PRO A 227 1.19 0.87 -6.42
C PRO A 227 2.18 -0.17 -5.92
N LEU A 228 3.31 0.32 -5.43
CA LEU A 228 4.29 -0.58 -4.85
C LEU A 228 3.78 -1.13 -3.53
N ILE A 229 3.99 -2.43 -3.33
CA ILE A 229 3.81 -3.08 -2.04
C ILE A 229 5.20 -3.46 -1.54
N PRO A 230 5.76 -2.74 -0.56
CA PRO A 230 7.16 -2.97 -0.18
C PRO A 230 7.35 -4.25 0.62
N MET A 231 6.62 -5.28 0.23
CA MET A 231 6.76 -6.62 0.79
C MET A 231 7.79 -7.43 0.02
N GLY A 232 8.98 -6.87 -0.18
CA GLY A 232 10.03 -7.63 -0.81
C GLY A 232 11.43 -7.35 -0.31
N GLU A 233 12.42 -7.50 -1.20
CA GLU A 233 13.83 -7.23 -0.93
C GLU A 233 14.11 -5.77 -0.66
N MET A 234 13.10 -4.92 -0.74
CA MET A 234 13.25 -3.50 -0.46
C MET A 234 13.06 -3.21 1.02
N LYS A 235 13.82 -2.23 1.52
CA LYS A 235 13.80 -1.86 2.93
C LYS A 235 12.49 -1.18 3.30
N ASP A 236 11.39 -1.69 2.80
CA ASP A 236 10.05 -1.13 2.96
C ASP A 236 10.04 0.37 2.62
N TYR A 237 10.18 0.63 1.31
CA TYR A 237 10.01 1.99 0.82
C TYR A 237 8.57 2.40 1.10
N PRO A 238 8.28 3.70 1.15
CA PRO A 238 6.90 4.11 1.38
C PRO A 238 6.05 3.71 0.18
N ARG A 239 4.79 3.42 0.45
CA ARG A 239 3.95 3.12 -0.68
C ARG A 239 3.53 4.41 -1.36
N PRO A 240 3.49 4.44 -2.69
CA PRO A 240 3.10 5.66 -3.40
C PRO A 240 1.70 6.10 -3.00
N THR A 241 1.58 7.37 -2.63
CA THR A 241 0.34 7.86 -2.06
C THR A 241 -0.75 7.85 -3.11
N CYS A 242 -1.99 7.63 -2.66
CA CYS A 242 -3.13 7.53 -3.57
C CYS A 242 -3.34 8.84 -4.32
N GLU A 243 -2.48 9.82 -4.06
CA GLU A 243 -2.41 11.09 -4.78
C GLU A 243 -1.39 11.04 -5.90
N GLN A 244 -0.19 10.51 -5.62
CA GLN A 244 0.84 10.42 -6.66
C GLN A 244 0.53 9.29 -7.64
N ILE A 245 -0.08 8.21 -7.17
CA ILE A 245 -0.51 7.14 -8.06
C ILE A 245 -1.57 7.65 -9.03
N GLU A 246 -2.33 8.67 -8.63
CA GLU A 246 -3.32 9.29 -9.51
C GLU A 246 -2.73 10.39 -10.39
N ARG A 247 -1.76 11.14 -9.87
CA ARG A 247 -1.09 12.15 -10.70
C ARG A 247 -0.38 11.51 -11.88
N VAL A 248 0.43 10.48 -11.61
CA VAL A 248 1.10 9.79 -12.70
C VAL A 248 0.10 9.08 -13.60
N ARG A 249 -0.99 8.58 -13.01
CA ARG A 249 -1.99 7.85 -13.79
C ARG A 249 -2.67 8.75 -14.81
N ASN A 250 -3.09 9.95 -14.38
CA ASN A 250 -3.71 10.89 -15.30
C ASN A 250 -2.70 11.55 -16.23
N GLU A 251 -1.43 11.64 -15.84
CA GLU A 251 -0.42 12.14 -16.76
C GLU A 251 -0.11 11.13 -17.86
N VAL A 252 -0.28 9.84 -17.56
CA VAL A 252 -0.07 8.80 -18.57
C VAL A 252 -1.32 8.57 -19.43
N GLU A 253 -2.52 8.79 -18.87
CA GLU A 253 -3.74 8.55 -19.62
C GLU A 253 -3.78 9.33 -20.93
N LYS A 254 -3.07 10.45 -21.00
CA LYS A 254 -2.99 11.25 -22.22
C LYS A 254 -2.06 10.65 -23.27
N ILE A 255 -1.57 9.43 -23.05
CA ILE A 255 -0.69 8.77 -24.01
C ILE A 255 -1.23 7.39 -24.35
N ILE A 256 -1.97 6.79 -23.42
CA ILE A 256 -2.44 5.41 -23.57
C ILE A 256 -3.59 5.18 -22.59
N PRO A 257 -4.60 4.38 -22.94
CA PRO A 257 -5.66 4.07 -21.96
C PRO A 257 -5.07 3.37 -20.74
N VAL A 258 -5.68 3.64 -19.58
CA VAL A 258 -5.12 3.20 -18.31
C VAL A 258 -6.21 2.48 -17.50
N PHE A 259 -5.81 1.37 -16.87
CA PHE A 259 -6.67 0.61 -15.97
C PHE A 259 -6.61 1.18 -14.56
N ARG A 260 -7.75 1.11 -13.86
CA ARG A 260 -7.84 1.84 -12.60
C ARG A 260 -8.55 1.06 -11.50
N ALA A 261 -8.50 -0.27 -11.54
CA ALA A 261 -9.13 -1.09 -10.51
C ALA A 261 -8.29 -2.32 -10.21
N CYS A 262 -7.00 -2.13 -9.95
CA CYS A 262 -6.08 -3.24 -9.75
C CYS A 262 -5.99 -3.54 -8.26
N THR A 263 -6.51 -4.69 -7.85
CA THR A 263 -6.50 -5.10 -6.45
C THR A 263 -5.26 -5.91 -6.09
N GLN A 264 -4.30 -6.03 -7.01
CA GLN A 264 -3.09 -6.83 -6.79
C GLN A 264 -3.46 -8.24 -6.35
N CYS A 265 -4.00 -8.98 -7.32
CA CYS A 265 -4.53 -10.30 -7.05
C CYS A 265 -3.42 -11.30 -6.73
N ARG A 266 -3.81 -12.38 -6.05
CA ARG A 266 -2.88 -13.46 -5.74
C ARG A 266 -2.70 -14.34 -6.97
N ALA A 267 -1.95 -15.43 -6.80
CA ALA A 267 -1.71 -16.39 -7.86
C ALA A 267 -2.69 -17.56 -7.82
N ASP A 268 -3.66 -17.53 -6.92
CA ASP A 268 -4.62 -18.62 -6.77
C ASP A 268 -6.07 -18.12 -6.73
N ALA A 269 -6.31 -16.88 -7.11
CA ALA A 269 -7.65 -16.30 -6.97
C ALA A 269 -8.59 -16.84 -8.03
N TYR A 270 -9.78 -17.27 -7.59
CA TYR A 270 -10.84 -17.73 -8.48
C TYR A 270 -12.12 -16.97 -8.16
N GLY A 271 -12.90 -16.70 -9.19
CA GLY A 271 -14.16 -16.01 -9.03
C GLY A 271 -14.10 -14.57 -9.53
N ILE A 272 -15.06 -13.78 -9.06
CA ILE A 272 -15.10 -12.36 -9.38
C ILE A 272 -14.23 -11.63 -8.36
N PRO A 273 -13.43 -10.65 -8.79
CA PRO A 273 -12.50 -10.00 -7.85
C PRO A 273 -13.17 -9.10 -6.82
N GLY A 274 -14.40 -9.43 -6.43
CA GLY A 274 -15.05 -8.76 -5.32
C GLY A 274 -15.37 -9.74 -4.21
N LYS A 275 -15.65 -10.99 -4.60
CA LYS A 275 -15.84 -12.09 -3.68
C LYS A 275 -15.09 -13.32 -4.20
N LYS A 276 -13.76 -13.20 -4.28
CA LYS A 276 -12.91 -14.25 -4.83
C LYS A 276 -12.37 -15.14 -3.71
N GLU A 277 -11.94 -16.34 -4.09
CA GLU A 277 -11.38 -17.30 -3.14
C GLU A 277 -9.87 -17.35 -3.31
N ALA A 278 -9.19 -18.12 -2.46
CA ALA A 278 -7.74 -18.19 -2.52
C ALA A 278 -7.23 -19.50 -1.95
N ASP A 279 -7.86 -20.61 -2.35
CA ASP A 279 -7.46 -21.96 -1.90
C ASP A 279 -7.34 -22.07 -0.39
N HIS B 18 3.13 23.72 8.13
CA HIS B 18 3.08 22.36 8.65
C HIS B 18 3.00 21.35 7.51
N PRO B 19 4.06 20.56 7.34
CA PRO B 19 4.11 19.65 6.19
C PRO B 19 3.03 18.59 6.20
N CYS B 20 2.61 18.11 7.37
CA CYS B 20 1.54 17.12 7.44
C CYS B 20 0.17 17.72 7.16
N PHE B 21 0.07 19.03 7.02
CA PHE B 21 -1.15 19.70 6.61
C PHE B 21 -0.99 20.29 5.22
N ASN B 22 -2.09 20.79 4.68
CA ASN B 22 -2.18 21.26 3.29
C ASN B 22 -1.82 20.06 2.41
N GLU B 23 -0.82 20.16 1.55
CA GLU B 23 -0.37 19.03 0.73
C GLU B 23 0.89 19.41 -0.03
N LYS B 24 1.23 20.70 -0.01
CA LYS B 24 2.32 21.21 -0.83
C LYS B 24 3.65 21.25 -0.08
N LEU B 25 3.64 21.65 1.19
CA LEU B 25 4.87 21.69 1.97
C LEU B 25 5.39 20.30 2.33
N HIS B 26 4.58 19.26 2.12
CA HIS B 26 4.98 17.90 2.48
C HIS B 26 6.24 17.47 1.75
N ASP B 27 6.44 17.93 0.52
CA ASP B 27 7.64 17.60 -0.24
C ASP B 27 8.79 18.58 -0.03
N ARG B 28 8.55 19.68 0.68
CA ARG B 28 9.55 20.72 0.87
C ARG B 28 9.89 20.98 2.33
N VAL B 29 8.95 20.80 3.25
CA VAL B 29 9.20 21.02 4.67
C VAL B 29 9.50 19.68 5.32
N GLY B 30 10.21 19.73 6.45
CA GLY B 30 10.63 18.54 7.15
C GLY B 30 10.00 18.43 8.53
N ARG B 31 10.19 17.26 9.14
CA ARG B 31 9.76 17.02 10.50
C ARG B 31 10.65 15.95 11.11
N VAL B 32 10.61 15.85 12.43
CA VAL B 32 11.34 14.82 13.16
C VAL B 32 10.37 14.13 14.13
N HIS B 33 10.46 12.81 14.20
CA HIS B 33 9.77 12.03 15.20
C HIS B 33 10.79 11.53 16.21
N VAL B 34 10.51 11.76 17.49
CA VAL B 34 11.35 11.25 18.57
C VAL B 34 10.65 10.03 19.18
N PRO B 35 11.27 8.86 19.18
CA PRO B 35 10.65 7.68 19.81
C PRO B 35 10.55 7.81 21.31
N ILE B 36 9.66 8.68 21.79
CA ILE B 36 9.54 8.97 23.21
C ILE B 36 8.10 8.70 23.66
N ALA B 37 7.53 7.60 23.19
CA ALA B 37 6.19 7.17 23.59
C ALA B 37 6.01 5.69 23.30
N PRO B 38 6.63 4.79 24.08
CA PRO B 38 6.55 3.36 23.76
C PRO B 38 5.30 2.65 24.27
N ARG B 39 4.83 2.98 25.47
CA ARG B 39 3.69 2.27 26.03
C ARG B 39 2.38 2.79 25.46
N CYS B 40 1.49 1.86 25.11
CA CYS B 40 0.17 2.19 24.62
C CYS B 40 -0.89 1.70 25.60
N ASN B 41 -2.13 2.14 25.38
CA ASN B 41 -3.25 1.77 26.24
C ASN B 41 -4.34 0.96 25.53
N ILE B 42 -4.22 0.75 24.22
CA ILE B 42 -5.21 0.00 23.46
C ILE B 42 -4.49 -1.02 22.57
N HIS B 43 -5.29 -1.75 21.79
CA HIS B 43 -4.78 -2.68 20.78
C HIS B 43 -5.72 -2.56 19.59
N CYS B 44 -5.23 -1.98 18.49
CA CYS B 44 -6.04 -1.67 17.32
C CYS B 44 -6.25 -2.85 16.37
N LYS B 45 -5.85 -4.07 16.72
CA LYS B 45 -5.97 -5.27 15.89
C LYS B 45 -5.20 -5.18 14.58
N PHE B 46 -4.37 -4.14 14.41
CA PHE B 46 -3.43 -4.08 13.30
C PHE B 46 -2.17 -3.34 13.71
N CYS B 47 -1.79 -3.47 14.97
CA CYS B 47 -0.58 -2.85 15.51
C CYS B 47 0.64 -3.65 15.12
N THR B 48 1.76 -2.95 14.96
CA THR B 48 3.03 -3.59 14.64
C THR B 48 4.06 -3.39 15.75
N ARG B 49 4.40 -2.15 16.08
CA ARG B 49 5.41 -1.83 17.10
C ARG B 49 6.71 -2.49 16.66
N ASP B 50 7.34 -3.31 17.49
CA ASP B 50 8.59 -4.02 17.18
C ASP B 50 9.75 -3.07 16.93
N ILE B 51 10.96 -3.61 16.82
CA ILE B 51 12.13 -2.80 16.53
C ILE B 51 12.63 -3.16 15.14
N ASN B 52 11.86 -2.78 14.13
CA ASN B 52 12.21 -3.07 12.74
C ASN B 52 13.01 -1.90 12.17
N GLU B 53 14.27 -2.15 11.85
CA GLU B 53 15.05 -1.18 11.08
C GLU B 53 14.75 -1.28 9.59
N CYS B 54 13.65 -1.93 9.22
CA CYS B 54 13.27 -2.13 7.82
C CYS B 54 11.86 -1.60 7.53
N GLU B 55 10.85 -2.18 8.18
CA GLU B 55 9.47 -1.82 7.88
C GLU B 55 9.20 -0.37 8.27
N ARG B 56 8.60 0.37 7.33
CA ARG B 56 8.25 1.77 7.56
C ARG B 56 6.79 1.89 8.01
N ARG B 57 6.45 1.09 9.02
CA ARG B 57 5.12 1.03 9.59
C ARG B 57 4.91 2.19 10.57
N PRO B 58 3.65 2.49 10.90
CA PRO B 58 3.40 3.64 11.82
C PRO B 58 4.12 3.53 13.14
N GLY B 59 4.18 2.35 13.75
CA GLY B 59 4.82 2.23 15.05
C GLY B 59 6.16 1.51 15.01
N VAL B 60 6.88 1.63 13.91
CA VAL B 60 8.13 0.91 13.70
C VAL B 60 9.27 1.87 14.05
N THR B 61 9.66 1.86 15.33
CA THR B 61 10.83 2.60 15.78
C THR B 61 12.07 1.72 15.66
N GLY B 62 13.18 2.34 15.25
CA GLY B 62 14.43 1.60 15.14
C GLY B 62 15.15 1.44 16.46
N ARG B 63 14.93 2.36 17.39
CA ARG B 63 15.56 2.33 18.72
C ARG B 63 14.89 3.34 19.63
N LEU B 64 14.52 2.92 20.84
CA LEU B 64 13.88 3.84 21.77
C LEU B 64 14.90 4.85 22.30
N MET B 65 14.39 5.99 22.75
CA MET B 65 15.23 7.11 23.12
C MET B 65 14.67 7.80 24.35
N THR B 66 15.51 8.54 25.05
CA THR B 66 15.09 9.30 26.21
C THR B 66 14.71 10.72 25.78
N ALA B 67 14.01 11.41 26.69
CA ALA B 67 13.58 12.79 26.43
C ALA B 67 14.77 13.71 26.24
N ASP B 68 15.78 13.60 27.11
CA ASP B 68 16.96 14.46 26.97
C ASP B 68 17.76 14.08 25.73
N ASP B 69 17.87 12.78 25.45
CA ASP B 69 18.49 12.37 24.19
C ASP B 69 17.66 12.82 22.99
N ALA B 70 16.35 12.92 23.15
CA ALA B 70 15.51 13.46 22.08
C ALA B 70 15.79 14.94 21.86
N ILE B 71 15.96 15.70 22.94
CA ILE B 71 16.35 17.10 22.81
C ILE B 71 17.68 17.21 22.08
N LYS B 72 18.65 16.40 22.49
CA LYS B 72 19.97 16.45 21.85
C LYS B 72 19.89 16.05 20.38
N HIS B 73 19.04 15.07 20.06
CA HIS B 73 18.89 14.65 18.67
C HIS B 73 18.24 15.73 17.82
N VAL B 74 17.18 16.35 18.32
CA VAL B 74 16.53 17.43 17.58
C VAL B 74 17.50 18.60 17.40
N GLU B 75 18.32 18.87 18.41
CA GLU B 75 19.30 19.95 18.29
C GLU B 75 20.37 19.61 17.27
N LYS B 76 20.76 18.34 17.19
CA LYS B 76 21.79 17.91 16.25
C LYS B 76 21.27 17.72 14.83
N VAL B 77 19.95 17.62 14.65
CA VAL B 77 19.39 17.41 13.32
C VAL B 77 18.85 18.70 12.70
N LYS B 78 18.52 19.71 13.49
CA LYS B 78 17.94 20.94 12.95
C LYS B 78 18.92 21.76 12.12
N GLU B 79 20.22 21.49 12.24
CA GLU B 79 21.22 22.26 11.50
C GLU B 79 21.50 21.68 10.12
N GLU B 80 21.62 20.35 10.02
CA GLU B 80 21.89 19.68 8.75
C GLU B 80 20.62 19.28 8.01
N MET B 81 19.47 19.81 8.42
CA MET B 81 18.19 19.47 7.82
C MET B 81 17.22 20.61 8.11
N PRO B 82 16.15 20.74 7.30
CA PRO B 82 15.21 21.86 7.51
C PRO B 82 14.51 21.81 8.86
N ILE B 83 13.58 20.86 9.01
CA ILE B 83 12.81 20.65 10.23
C ILE B 83 11.91 21.86 10.51
N SER B 84 10.61 21.68 10.29
CA SER B 84 9.64 22.69 10.66
C SER B 84 8.85 22.33 11.92
N VAL B 85 8.61 21.04 12.15
CA VAL B 85 7.86 20.57 13.30
C VAL B 85 8.63 19.45 13.97
N ILE B 86 8.33 19.25 15.26
CA ILE B 86 8.73 18.07 16.01
C ILE B 86 7.46 17.37 16.47
N GLY B 87 7.45 16.05 16.37
CA GLY B 87 6.27 15.30 16.73
C GLY B 87 6.57 14.03 17.51
N VAL B 88 5.78 13.77 18.55
CA VAL B 88 5.91 12.55 19.33
C VAL B 88 4.81 11.63 18.83
N ALA B 89 5.14 10.84 17.80
CA ALA B 89 4.26 9.78 17.33
C ALA B 89 4.95 8.46 17.59
N GLY B 90 5.41 8.28 18.83
CA GLY B 90 6.15 7.09 19.22
C GLY B 90 5.35 5.83 19.07
N PRO B 91 5.95 4.68 19.41
CA PRO B 91 5.28 3.40 19.15
C PRO B 91 3.87 3.33 19.70
N GLY B 92 3.67 3.70 20.96
CA GLY B 92 2.35 3.75 21.56
C GLY B 92 1.72 5.12 21.43
N ASP B 93 0.62 5.30 22.16
CA ASP B 93 -0.01 6.61 22.23
C ASP B 93 0.86 7.55 23.05
N ALA B 94 1.08 8.76 22.53
CA ALA B 94 1.99 9.69 23.18
C ALA B 94 1.48 10.20 24.52
N LEU B 95 0.17 10.17 24.75
CA LEU B 95 -0.39 10.64 26.02
C LEU B 95 -0.27 9.62 27.14
N ALA B 96 0.00 8.35 26.83
CA ALA B 96 0.09 7.33 27.87
C ALA B 96 1.41 7.35 28.63
N ASN B 97 2.43 8.03 28.11
CA ASN B 97 3.74 8.09 28.73
C ASN B 97 4.00 9.48 29.28
N GLU B 98 4.47 9.54 30.52
CA GLU B 98 4.82 10.80 31.16
C GLU B 98 6.14 11.37 30.66
N GLU B 99 6.79 10.70 29.71
CA GLU B 99 8.02 11.22 29.13
C GLU B 99 7.74 12.16 27.96
N THR B 100 6.60 12.00 27.28
CA THR B 100 6.21 12.96 26.25
C THR B 100 6.06 14.35 26.83
N PHE B 101 5.51 14.43 28.05
CA PHE B 101 5.29 15.73 28.68
C PHE B 101 6.60 16.32 29.18
N GLU B 102 7.51 15.48 29.68
CA GLU B 102 8.85 15.98 30.03
C GLU B 102 9.57 16.52 28.80
N PHE B 103 9.42 15.83 27.67
CA PHE B 103 10.00 16.31 26.41
C PHE B 103 9.40 17.64 25.99
N PHE B 104 8.07 17.75 26.06
CA PHE B 104 7.41 18.99 25.64
C PHE B 104 7.75 20.14 26.58
N LYS B 105 7.93 19.86 27.87
CA LYS B 105 8.31 20.90 28.81
C LYS B 105 9.74 21.37 28.55
N LYS B 106 10.65 20.44 28.30
CA LYS B 106 12.03 20.83 28.02
C LYS B 106 12.19 21.45 26.63
N ALA B 107 11.27 21.17 25.70
CA ALA B 107 11.36 21.68 24.34
C ALA B 107 10.56 22.96 24.12
N SER B 108 9.67 23.33 25.05
CA SER B 108 8.90 24.55 24.87
C SER B 108 9.79 25.79 24.90
N LYS B 109 10.89 25.75 25.64
CA LYS B 109 11.81 26.88 25.75
C LYS B 109 13.14 26.61 25.06
N LYS B 110 13.26 25.49 24.36
CA LYS B 110 14.45 25.14 23.60
C LYS B 110 14.27 25.26 22.10
N PHE B 111 13.06 25.02 21.60
CA PHE B 111 12.75 25.16 20.18
C PHE B 111 11.44 25.93 20.02
N PRO B 112 11.45 27.24 20.33
CA PRO B 112 10.23 28.03 20.15
C PRO B 112 9.91 28.32 18.70
N ASP B 113 10.77 27.89 17.78
CA ASP B 113 10.58 28.10 16.35
C ASP B 113 9.90 26.93 15.66
N LEU B 114 9.96 25.74 16.26
CA LEU B 114 9.39 24.53 15.67
C LEU B 114 8.02 24.29 16.28
N LEU B 115 7.00 24.13 15.42
CA LEU B 115 5.68 23.78 15.93
C LEU B 115 5.73 22.38 16.54
N LYS B 116 4.89 22.17 17.55
CA LYS B 116 4.95 20.97 18.37
C LYS B 116 3.69 20.15 18.10
N CYS B 117 3.88 18.96 17.53
CA CYS B 117 2.77 18.11 17.13
C CYS B 117 2.87 16.76 17.83
N MET B 118 1.77 16.00 17.75
CA MET B 118 1.69 14.70 18.41
C MET B 118 0.56 13.89 17.77
N SER B 119 0.73 12.57 17.78
CA SER B 119 -0.26 11.63 17.26
C SER B 119 -0.70 10.72 18.40
N THR B 120 -1.95 10.88 18.84
CA THR B 120 -2.47 10.18 20.00
C THR B 120 -3.58 9.21 19.60
N ASN B 121 -4.06 8.46 20.59
CA ASN B 121 -5.22 7.60 20.43
C ASN B 121 -6.50 8.20 21.01
N GLY B 122 -6.39 9.34 21.72
CA GLY B 122 -7.55 10.05 22.21
C GLY B 122 -8.12 9.59 23.52
N LEU B 123 -7.63 8.48 24.09
CA LEU B 123 -8.24 7.94 25.29
C LEU B 123 -7.88 8.77 26.52
N LEU B 124 -6.66 9.30 26.58
CA LEU B 124 -6.19 10.11 27.70
C LEU B 124 -6.21 11.60 27.39
N LEU B 125 -7.11 12.04 26.52
CA LEU B 125 -7.27 13.47 26.27
C LEU B 125 -8.05 14.17 27.39
N PRO B 126 -9.12 13.57 27.94
CA PRO B 126 -9.79 14.24 29.06
C PRO B 126 -8.88 14.51 30.26
N ASP B 127 -7.84 13.71 30.46
CA ASP B 127 -6.93 13.91 31.58
C ASP B 127 -5.69 14.71 31.24
N ARG B 128 -5.20 14.61 30.00
CA ARG B 128 -3.93 15.24 29.62
C ARG B 128 -4.12 16.42 28.68
N ALA B 129 -5.36 16.84 28.43
CA ALA B 129 -5.61 18.00 27.59
C ALA B 129 -5.08 19.27 28.25
N ASP B 130 -5.20 19.35 29.58
CA ASP B 130 -4.66 20.51 30.29
C ASP B 130 -3.15 20.62 30.10
N GLU B 131 -2.43 19.50 30.16
CA GLU B 131 -0.99 19.56 29.98
C GLU B 131 -0.61 19.78 28.52
N LEU B 132 -1.38 19.24 27.58
CA LEU B 132 -1.12 19.53 26.17
C LEU B 132 -1.32 21.01 25.87
N ALA B 133 -2.26 21.66 26.56
CA ALA B 133 -2.44 23.10 26.41
C ALA B 133 -1.33 23.87 27.12
N GLU B 134 -0.89 23.39 28.28
CA GLU B 134 0.14 24.09 29.04
C GLU B 134 1.50 24.04 28.36
N LEU B 135 1.79 22.98 27.63
CA LEU B 135 3.08 22.84 26.97
C LEU B 135 3.18 23.64 25.68
N GLY B 136 2.10 24.26 25.25
CA GLY B 136 2.13 25.02 24.01
C GLY B 136 2.09 24.17 22.77
N ILE B 137 1.23 23.15 22.75
CA ILE B 137 1.15 22.22 21.63
C ILE B 137 0.24 22.81 20.57
N ASN B 138 0.71 22.79 19.32
CA ASN B 138 -0.01 23.37 18.20
C ASN B 138 -0.98 22.39 17.54
N THR B 139 -0.58 21.13 17.40
CA THR B 139 -1.34 20.18 16.60
C THR B 139 -1.37 18.82 17.28
N VAL B 140 -2.55 18.22 17.33
CA VAL B 140 -2.75 16.88 17.85
C VAL B 140 -3.61 16.13 16.86
N THR B 141 -3.16 14.97 16.41
CA THR B 141 -3.94 14.13 15.52
C THR B 141 -4.54 12.97 16.31
N VAL B 142 -5.82 12.69 16.07
CA VAL B 142 -6.57 11.70 16.83
C VAL B 142 -7.02 10.62 15.86
N THR B 143 -6.62 9.39 16.11
CA THR B 143 -6.95 8.27 15.24
C THR B 143 -8.35 7.80 15.56
N VAL B 144 -9.33 8.35 14.82
CA VAL B 144 -10.73 7.98 14.96
C VAL B 144 -11.06 7.11 13.76
N ASN B 145 -11.17 5.81 13.99
CA ASN B 145 -11.41 4.86 12.91
C ASN B 145 -12.85 4.37 12.86
N ALA B 146 -13.66 4.67 13.87
CA ALA B 146 -15.05 4.27 13.87
C ALA B 146 -15.82 5.07 14.91
N VAL B 147 -17.11 5.23 14.66
CA VAL B 147 -18.03 5.80 15.65
C VAL B 147 -19.26 4.95 15.85
N ASP B 148 -19.62 4.09 14.91
CA ASP B 148 -20.74 3.18 15.08
C ASP B 148 -20.27 1.98 15.89
N PRO B 149 -20.87 1.68 17.05
CA PRO B 149 -20.37 0.57 17.87
C PRO B 149 -20.37 -0.78 17.16
N GLU B 150 -21.36 -1.05 16.32
CA GLU B 150 -21.40 -2.30 15.58
C GLU B 150 -20.24 -2.42 14.60
N ILE B 151 -19.65 -1.30 14.20
CA ILE B 151 -18.48 -1.30 13.33
C ILE B 151 -17.19 -1.33 14.13
N GLY B 152 -17.14 -0.53 15.21
CA GLY B 152 -15.92 -0.42 15.99
C GLY B 152 -15.64 -1.56 16.94
N GLU B 153 -16.66 -2.37 17.25
CA GLU B 153 -16.45 -3.54 18.10
C GLU B 153 -15.50 -4.55 17.46
N LYS B 154 -15.33 -4.49 16.14
CA LYS B 154 -14.46 -5.38 15.40
C LYS B 154 -13.18 -4.67 14.94
N ILE B 155 -12.69 -3.71 15.73
CA ILE B 155 -11.50 -2.95 15.36
C ILE B 155 -10.53 -2.93 16.53
N TYR B 156 -11.04 -2.95 17.76
CA TYR B 156 -10.22 -2.85 18.95
C TYR B 156 -10.35 -4.10 19.81
N SER B 157 -9.30 -4.40 20.56
CA SER B 157 -9.27 -5.58 21.42
C SER B 157 -9.58 -5.22 22.87
N PHE B 158 -8.62 -4.61 23.57
CA PHE B 158 -8.77 -4.23 24.97
C PHE B 158 -8.46 -2.75 25.13
N VAL B 159 -8.96 -2.18 26.22
CA VAL B 159 -8.75 -0.77 26.53
C VAL B 159 -8.46 -0.64 28.02
N VAL B 160 -7.28 -0.12 28.35
CA VAL B 160 -6.85 0.11 29.72
C VAL B 160 -7.03 1.60 30.03
N TYR B 161 -7.83 1.91 31.06
CA TYR B 161 -8.06 3.29 31.44
C TYR B 161 -7.59 3.47 32.87
N LYS B 162 -8.49 3.44 33.86
CA LYS B 162 -8.10 3.66 35.25
C LYS B 162 -7.96 2.31 35.96
N ASP B 163 -6.78 1.71 35.76
CA ASP B 163 -6.38 0.46 36.40
C ASP B 163 -7.27 -0.72 36.06
N LYS B 164 -8.06 -0.62 34.99
CA LYS B 164 -8.91 -1.72 34.57
C LYS B 164 -8.89 -1.83 33.05
N VAL B 165 -9.09 -3.05 32.56
CA VAL B 165 -9.07 -3.34 31.14
C VAL B 165 -10.46 -3.82 30.73
N TYR B 166 -11.00 -3.22 29.68
CA TYR B 166 -12.29 -3.61 29.15
C TYR B 166 -12.11 -4.22 27.76
N HIS B 167 -12.95 -5.20 27.44
CA HIS B 167 -12.77 -5.99 26.22
C HIS B 167 -14.14 -6.28 25.60
N GLY B 168 -14.47 -5.55 24.54
CA GLY B 168 -15.72 -5.74 23.84
C GLY B 168 -16.39 -4.47 23.37
N ARG B 169 -17.72 -4.47 23.27
CA ARG B 169 -18.44 -3.27 22.90
C ARG B 169 -18.28 -2.16 23.94
N GLU B 170 -18.16 -2.53 25.22
CA GLU B 170 -17.98 -1.51 26.26
C GLU B 170 -16.64 -0.79 26.12
N ALA B 171 -15.60 -1.53 25.73
CA ALA B 171 -14.30 -0.91 25.51
C ALA B 171 -14.38 0.15 24.42
N PHE B 172 -15.01 -0.18 23.29
CA PHE B 172 -15.15 0.78 22.22
C PHE B 172 -16.05 1.94 22.63
N GLU B 173 -17.08 1.68 23.44
CA GLU B 173 -17.94 2.77 23.91
C GLU B 173 -17.13 3.77 24.72
N VAL B 174 -16.34 3.28 25.67
CA VAL B 174 -15.51 4.15 26.48
C VAL B 174 -14.51 4.91 25.60
N LEU B 175 -13.87 4.20 24.67
CA LEU B 175 -12.85 4.83 23.83
C LEU B 175 -13.44 5.92 22.95
N SER B 176 -14.58 5.64 22.31
CA SER B 176 -15.20 6.64 21.45
C SER B 176 -15.65 7.86 22.24
N ARG B 177 -16.25 7.63 23.42
CA ARG B 177 -16.64 8.75 24.27
C ARG B 177 -15.44 9.62 24.60
N ASN B 178 -14.35 8.99 25.04
CA ASN B 178 -13.16 9.77 25.41
C ASN B 178 -12.56 10.48 24.21
N GLN B 179 -12.49 9.83 23.04
CA GLN B 179 -11.89 10.46 21.88
C GLN B 179 -12.68 11.69 21.44
N LEU B 180 -14.00 11.57 21.41
CA LEU B 180 -14.80 12.71 20.97
C LEU B 180 -14.79 13.83 22.00
N GLU B 181 -14.93 13.51 23.29
CA GLU B 181 -14.85 14.53 24.32
C GLU B 181 -13.48 15.21 24.33
N GLY B 182 -12.42 14.46 24.03
CA GLY B 182 -11.10 15.05 24.02
C GLY B 182 -10.87 15.94 22.81
N ILE B 183 -11.42 15.56 21.66
CA ILE B 183 -11.39 16.45 20.50
C ILE B 183 -12.09 17.76 20.85
N GLU B 184 -13.25 17.66 21.49
CA GLU B 184 -13.99 18.87 21.88
C GLU B 184 -13.20 19.71 22.89
N LYS B 185 -12.55 19.06 23.85
CA LYS B 185 -11.78 19.80 24.85
C LYS B 185 -10.58 20.50 24.22
N LEU B 186 -9.86 19.80 23.34
CA LEU B 186 -8.73 20.41 22.65
C LEU B 186 -9.19 21.56 21.75
N ALA B 187 -10.40 21.46 21.20
CA ALA B 187 -10.94 22.56 20.42
C ALA B 187 -11.28 23.75 21.30
N GLU B 188 -11.78 23.48 22.51
CA GLU B 188 -12.10 24.57 23.44
C GLU B 188 -10.83 25.27 23.91
N ARG B 189 -9.76 24.51 24.14
CA ARG B 189 -8.49 25.13 24.54
C ARG B 189 -7.89 25.96 23.41
N GLY B 190 -8.20 25.62 22.16
CA GLY B 190 -7.69 26.38 21.03
C GLY B 190 -6.56 25.67 20.31
N ILE B 191 -6.70 24.37 20.10
CA ILE B 191 -5.67 23.55 19.47
C ILE B 191 -6.27 22.83 18.27
N ILE B 192 -5.64 22.98 17.12
CA ILE B 192 -6.09 22.32 15.91
C ILE B 192 -5.94 20.81 16.03
N VAL B 193 -7.01 20.08 15.75
CA VAL B 193 -7.05 18.63 15.87
C VAL B 193 -7.22 18.03 14.48
N LYS B 194 -6.36 17.09 14.14
CA LYS B 194 -6.48 16.30 12.93
C LYS B 194 -7.05 14.94 13.25
N VAL B 195 -7.66 14.31 12.24
CA VAL B 195 -8.27 13.01 12.39
C VAL B 195 -7.65 12.07 11.37
N ASN B 196 -6.78 11.18 11.83
CA ASN B 196 -6.28 10.09 11.01
C ASN B 196 -7.26 8.93 11.10
N SER B 197 -7.71 8.44 9.95
CA SER B 197 -8.62 7.31 9.90
C SER B 197 -8.12 6.31 8.87
N VAL B 198 -7.98 5.06 9.29
CA VAL B 198 -7.44 4.01 8.43
C VAL B 198 -8.61 3.31 7.74
N LEU B 199 -8.56 3.25 6.41
CA LEU B 199 -9.63 2.68 5.60
C LEU B 199 -9.45 1.16 5.59
N ILE B 200 -10.24 0.48 6.40
CA ILE B 200 -10.21 -0.98 6.49
C ILE B 200 -11.29 -1.52 5.56
N PRO B 201 -10.92 -2.12 4.41
CA PRO B 201 -11.94 -2.62 3.48
C PRO B 201 -12.73 -3.78 4.03
N GLY B 202 -14.03 -3.56 4.26
CA GLY B 202 -14.93 -4.58 4.78
C GLY B 202 -15.59 -4.20 6.09
N LEU B 203 -14.99 -3.29 6.84
CA LEU B 203 -15.55 -2.83 8.12
C LEU B 203 -16.08 -1.41 8.02
N ASN B 204 -15.22 -0.44 7.69
CA ASN B 204 -15.58 0.97 7.68
C ASN B 204 -15.32 1.64 6.33
N ASP B 205 -15.47 0.90 5.23
CA ASP B 205 -15.21 1.50 3.92
C ASP B 205 -16.32 2.46 3.53
N GLU B 206 -17.57 2.09 3.75
CA GLU B 206 -18.72 2.96 3.54
C GLU B 206 -19.16 3.63 4.83
N HIS B 207 -18.19 4.02 5.66
CA HIS B 207 -18.46 4.61 6.97
C HIS B 207 -17.66 5.86 7.27
N ILE B 208 -16.69 6.22 6.44
CA ILE B 208 -15.83 7.37 6.73
C ILE B 208 -16.64 8.67 6.80
N VAL B 209 -17.78 8.71 6.11
CA VAL B 209 -18.59 9.93 6.09
C VAL B 209 -19.22 10.20 7.46
N ASP B 210 -19.63 9.15 8.18
CA ASP B 210 -20.18 9.35 9.51
C ASP B 210 -19.11 9.82 10.49
N ILE B 211 -17.90 9.26 10.38
CA ILE B 211 -16.78 9.73 11.18
C ILE B 211 -16.50 11.19 10.89
N ALA B 212 -16.56 11.57 9.61
CA ALA B 212 -16.34 12.97 9.24
C ALA B 212 -17.41 13.86 9.82
N ARG B 213 -18.67 13.43 9.78
CA ARG B 213 -19.75 14.20 10.39
C ARG B 213 -19.49 14.45 11.87
N GLU B 214 -19.21 13.38 12.62
CA GLU B 214 -19.00 13.55 14.05
C GLU B 214 -17.74 14.37 14.35
N VAL B 215 -16.69 14.21 13.52
CA VAL B 215 -15.45 14.94 13.75
C VAL B 215 -15.65 16.43 13.51
N LYS B 216 -16.41 16.78 12.47
CA LYS B 216 -16.75 18.18 12.25
C LYS B 216 -17.64 18.72 13.36
N LYS B 217 -18.53 17.88 13.89
CA LYS B 217 -19.36 18.31 15.01
C LYS B 217 -18.54 18.59 16.26
N ARG B 218 -17.46 17.83 16.48
CA ARG B 218 -16.65 18.07 17.67
C ARG B 218 -15.75 19.29 17.53
N GLY B 219 -15.14 19.47 16.37
CA GLY B 219 -14.27 20.61 16.14
C GLY B 219 -12.95 20.19 15.53
N ALA B 220 -13.01 19.35 14.50
CA ALA B 220 -11.83 18.93 13.77
C ALA B 220 -11.59 19.88 12.60
N SER B 221 -10.32 20.07 12.27
CA SER B 221 -9.91 20.95 11.19
C SER B 221 -9.59 20.18 9.91
N LEU B 222 -8.64 19.25 9.98
CA LEU B 222 -8.26 18.42 8.86
C LEU B 222 -8.47 16.95 9.22
N MET B 223 -8.81 16.15 8.22
CA MET B 223 -8.96 14.71 8.38
C MET B 223 -8.03 14.01 7.40
N ASN B 224 -7.28 13.03 7.89
CA ASN B 224 -6.29 12.33 7.08
C ASN B 224 -6.76 10.88 6.92
N ILE B 225 -7.39 10.59 5.79
CA ILE B 225 -7.81 9.23 5.47
C ILE B 225 -6.59 8.47 4.92
N ILE B 226 -6.26 7.36 5.56
CA ILE B 226 -5.07 6.59 5.22
C ILE B 226 -5.46 5.17 4.82
N PRO B 227 -4.76 4.57 3.86
CA PRO B 227 -5.08 3.19 3.47
C PRO B 227 -4.64 2.18 4.53
N LEU B 228 -5.32 1.04 4.54
CA LEU B 228 -4.97 -0.02 5.47
C LEU B 228 -3.64 -0.66 5.08
N ILE B 229 -2.81 -0.93 6.08
CA ILE B 229 -1.62 -1.75 5.95
C ILE B 229 -1.84 -3.03 6.74
N PRO B 230 -2.11 -4.16 6.11
CA PRO B 230 -2.43 -5.38 6.86
C PRO B 230 -1.19 -6.04 7.47
N MET B 231 -0.25 -5.24 7.97
CA MET B 231 0.89 -5.79 8.69
C MET B 231 0.61 -5.88 10.18
N GLY B 232 -0.56 -6.37 10.55
CA GLY B 232 -0.92 -6.60 11.94
C GLY B 232 -1.78 -7.83 12.07
N GLU B 233 -2.66 -7.87 13.08
CA GLU B 233 -3.54 -9.03 13.21
C GLU B 233 -4.55 -9.14 12.08
N MET B 234 -4.67 -8.11 11.23
CA MET B 234 -5.49 -8.13 10.03
C MET B 234 -4.68 -8.54 8.81
N LYS B 235 -3.71 -9.44 8.97
CA LYS B 235 -2.80 -9.82 7.90
C LYS B 235 -3.47 -10.63 6.80
N ASP B 236 -4.67 -10.21 6.37
CA ASP B 236 -5.40 -10.98 5.39
C ASP B 236 -6.35 -10.12 4.56
N TYR B 237 -6.75 -8.97 5.08
CA TYR B 237 -7.61 -8.08 4.33
C TYR B 237 -6.91 -7.52 3.09
N PRO B 238 -7.68 -7.19 2.05
CA PRO B 238 -7.10 -6.61 0.82
C PRO B 238 -6.63 -5.17 1.01
N ARG B 239 -5.70 -4.76 0.15
CA ARG B 239 -5.26 -3.37 0.12
C ARG B 239 -6.28 -2.52 -0.62
N PRO B 240 -6.61 -1.33 -0.10
CA PRO B 240 -7.48 -0.42 -0.86
C PRO B 240 -6.78 0.03 -2.15
N THR B 241 -7.51 -0.09 -3.26
CA THR B 241 -7.00 0.03 -4.63
C THR B 241 -6.60 1.46 -5.04
N CYS B 242 -6.49 2.46 -4.15
CA CYS B 242 -6.16 3.84 -4.53
C CYS B 242 -7.09 4.45 -5.57
N GLU B 243 -8.09 3.71 -6.03
CA GLU B 243 -9.09 4.28 -6.91
C GLU B 243 -10.35 4.73 -6.18
N GLN B 244 -10.94 3.84 -5.38
CA GLN B 244 -12.11 4.20 -4.59
C GLN B 244 -11.74 4.95 -3.32
N ILE B 245 -10.51 4.79 -2.83
CA ILE B 245 -10.07 5.58 -1.68
C ILE B 245 -10.18 7.06 -2.01
N GLU B 246 -10.08 7.42 -3.29
CA GLU B 246 -10.28 8.81 -3.69
C GLU B 246 -11.76 9.16 -3.76
N ARG B 247 -12.62 8.21 -4.13
CA ARG B 247 -14.06 8.45 -4.10
C ARG B 247 -14.52 8.75 -2.67
N VAL B 248 -14.09 7.91 -1.71
CA VAL B 248 -14.44 8.16 -0.31
C VAL B 248 -13.76 9.42 0.19
N ARG B 249 -12.54 9.70 -0.28
CA ARG B 249 -11.83 10.91 0.15
C ARG B 249 -12.58 12.16 -0.28
N ASN B 250 -13.07 12.19 -1.51
CA ASN B 250 -13.87 13.32 -1.97
C ASN B 250 -15.26 13.32 -1.39
N GLU B 251 -15.79 12.16 -0.97
CA GLU B 251 -17.06 12.15 -0.26
C GLU B 251 -16.93 12.76 1.12
N VAL B 252 -15.73 12.66 1.70
CA VAL B 252 -15.48 13.32 2.98
C VAL B 252 -15.06 14.78 2.79
N GLU B 253 -14.38 15.09 1.68
CA GLU B 253 -13.91 16.44 1.42
C GLU B 253 -15.05 17.45 1.41
N LYS B 254 -16.25 17.03 1.04
CA LYS B 254 -17.41 17.89 1.03
C LYS B 254 -18.03 18.09 2.41
N ILE B 255 -17.38 17.59 3.47
CA ILE B 255 -17.88 17.76 4.83
C ILE B 255 -16.79 18.38 5.69
N ILE B 256 -15.54 18.12 5.32
CA ILE B 256 -14.38 18.58 6.08
C ILE B 256 -13.17 18.48 5.16
N PRO B 257 -12.20 19.41 5.24
CA PRO B 257 -10.99 19.27 4.42
C PRO B 257 -10.25 17.98 4.75
N VAL B 258 -9.61 17.41 3.73
CA VAL B 258 -8.98 16.11 3.84
C VAL B 258 -7.54 16.19 3.36
N PHE B 259 -6.64 15.54 4.10
CA PHE B 259 -5.24 15.45 3.75
C PHE B 259 -5.00 14.26 2.82
N ARG B 260 -4.04 14.40 1.90
CA ARG B 260 -3.90 13.43 0.82
C ARG B 260 -2.44 13.07 0.54
N ALA B 261 -1.57 13.12 1.53
CA ALA B 261 -0.16 12.78 1.32
C ALA B 261 0.40 12.03 2.53
N CYS B 262 -0.30 10.99 2.95
CA CYS B 262 0.09 10.22 4.14
C CYS B 262 0.89 8.99 3.72
N THR B 263 2.19 9.00 4.00
CA THR B 263 3.07 7.89 3.69
C THR B 263 3.23 6.90 4.83
N GLN B 264 2.46 7.06 5.92
CA GLN B 264 2.55 6.23 7.11
C GLN B 264 3.99 6.15 7.62
N CYS B 265 4.42 7.27 8.19
CA CYS B 265 5.79 7.40 8.66
C CYS B 265 6.04 6.52 9.87
N ARG B 266 7.32 6.24 10.12
CA ARG B 266 7.70 5.49 11.31
C ARG B 266 7.67 6.39 12.52
N ALA B 267 8.10 5.86 13.67
CA ALA B 267 8.17 6.66 14.89
C ALA B 267 9.54 7.28 15.11
N ASP B 268 10.46 7.12 14.15
CA ASP B 268 11.81 7.64 14.28
C ASP B 268 12.26 8.41 13.05
N ALA B 269 11.33 8.76 12.15
CA ALA B 269 11.69 9.39 10.89
C ALA B 269 12.08 10.84 11.11
N TYR B 270 13.22 11.23 10.56
CA TYR B 270 13.70 12.60 10.62
C TYR B 270 14.01 13.09 9.21
N GLY B 271 13.78 14.38 8.99
CA GLY B 271 14.05 14.98 7.70
C GLY B 271 12.77 15.29 6.94
N ILE B 272 12.93 15.45 5.63
CA ILE B 272 11.78 15.71 4.77
C ILE B 272 11.17 14.37 4.37
N PRO B 273 9.83 14.23 4.40
CA PRO B 273 9.23 12.93 4.09
C PRO B 273 9.29 12.54 2.62
N GLY B 274 10.31 13.03 1.93
CA GLY B 274 10.64 12.60 0.58
C GLY B 274 12.04 12.01 0.58
N LYS B 275 12.86 12.53 1.48
CA LYS B 275 14.20 12.01 1.74
C LYS B 275 14.41 11.93 3.25
N LYS B 276 13.63 11.07 3.88
CA LYS B 276 13.66 10.93 5.33
C LYS B 276 14.62 9.81 5.75
N GLU B 277 15.07 9.89 6.99
CA GLU B 277 15.99 8.92 7.57
C GLU B 277 15.28 8.03 8.57
N ALA B 278 16.02 7.06 9.11
CA ALA B 278 15.51 6.10 10.07
C ALA B 278 16.67 5.61 10.91
N ASP B 279 16.42 5.40 12.20
CA ASP B 279 17.45 4.92 13.12
C ASP B 279 17.89 3.50 12.76
#